data_6SCQ
#
_entry.id   6SCQ
#
_cell.length_a   65.840
_cell.length_b   32.270
_cell.length_c   74.410
_cell.angle_alpha   90.000
_cell.angle_beta   114.650
_cell.angle_gamma   90.000
#
_symmetry.space_group_name_H-M   'C 1 2 1'
#
loop_
_entity.id
_entity.type
_entity.pdbx_description
1 polymer 'Cell division protein SepF'
2 water water
#
_entity_poly.entity_id   1
_entity_poly.type   'polypeptide(L)'
_entity_poly.pdbx_seq_one_letter_code
;MSYQSTIVPVELHSFEDAQVIGGAFRDGDAVVFDMSLLSREEARRIVDFAAGLCFALRGKMQKIDSVTFAVVPE
;
_entity_poly.pdbx_strand_id   A,B
#
# COMPACT_ATOMS: atom_id res chain seq x y z
N TYR A 3 -18.75 8.18 2.19
CA TYR A 3 -18.34 6.80 2.35
C TYR A 3 -16.89 6.67 1.96
N GLN A 4 -16.11 6.01 2.83
CA GLN A 4 -14.67 5.81 2.60
C GLN A 4 -14.34 4.67 1.64
N SER A 5 -13.22 4.83 0.93
CA SER A 5 -12.68 3.91 -0.08
C SER A 5 -11.29 3.43 0.38
N THR A 6 -11.26 2.42 1.28
CA THR A 6 -10.02 1.83 1.81
C THR A 6 -9.33 1.03 0.71
N ILE A 7 -7.97 1.04 0.68
CA ILE A 7 -7.23 0.27 -0.32
C ILE A 7 -7.64 -1.20 -0.24
N VAL A 8 -7.77 -1.86 -1.39
CA VAL A 8 -8.15 -3.26 -1.42
C VAL A 8 -6.88 -4.13 -1.33
N PRO A 9 -6.74 -4.95 -0.28
CA PRO A 9 -5.57 -5.83 -0.19
C PRO A 9 -5.84 -7.15 -0.91
N VAL A 10 -4.86 -7.62 -1.69
CA VAL A 10 -5.06 -8.84 -2.45
C VAL A 10 -3.86 -9.77 -2.24
N GLU A 11 -4.13 -10.96 -1.74
CA GLU A 11 -3.09 -11.98 -1.62
C GLU A 11 -3.23 -12.81 -2.88
N LEU A 12 -2.22 -12.76 -3.75
CA LEU A 12 -2.32 -13.46 -5.05
C LEU A 12 -1.93 -14.93 -4.99
N HIS A 13 -2.63 -15.77 -5.77
CA HIS A 13 -2.36 -17.21 -5.81
C HIS A 13 -1.95 -17.72 -7.16
N SER A 14 -2.34 -17.03 -8.23
CA SER A 14 -1.92 -17.39 -9.56
C SER A 14 -2.12 -16.17 -10.44
N PHE A 15 -1.67 -16.28 -11.71
CA PHE A 15 -1.88 -15.19 -12.64
C PHE A 15 -3.38 -14.95 -12.88
N GLU A 16 -4.22 -15.96 -12.67
CA GLU A 16 -5.67 -15.79 -12.82
C GLU A 16 -6.19 -14.70 -11.89
N ASP A 17 -5.49 -14.43 -10.75
CA ASP A 17 -5.92 -13.39 -9.83
C ASP A 17 -5.61 -11.97 -10.32
N ALA A 18 -5.00 -11.84 -11.51
CA ALA A 18 -4.84 -10.50 -12.11
C ALA A 18 -6.22 -9.83 -12.20
N GLN A 19 -7.28 -10.63 -12.45
CA GLN A 19 -8.65 -10.08 -12.58
C GLN A 19 -9.14 -9.48 -11.25
N VAL A 20 -8.62 -9.96 -10.10
CA VAL A 20 -9.03 -9.39 -8.83
C VAL A 20 -8.45 -7.99 -8.69
N ILE A 21 -7.15 -7.79 -9.06
CA ILE A 21 -6.57 -6.47 -9.03
C ILE A 21 -7.32 -5.62 -10.07
N GLY A 22 -7.53 -6.19 -11.28
CA GLY A 22 -8.13 -5.45 -12.37
C GLY A 22 -9.52 -4.94 -12.05
N GLY A 23 -10.38 -5.81 -11.47
CA GLY A 23 -11.75 -5.38 -11.20
C GLY A 23 -11.81 -4.21 -10.23
N ALA A 24 -11.02 -4.31 -9.14
CA ALA A 24 -11.04 -3.26 -8.13
C ALA A 24 -10.47 -1.95 -8.70
N PHE A 25 -9.33 -2.04 -9.40
CA PHE A 25 -8.71 -0.84 -9.94
C PHE A 25 -9.58 -0.19 -11.02
N ARG A 26 -10.22 -1.03 -11.86
CA ARG A 26 -11.10 -0.53 -12.92
C ARG A 26 -12.27 0.24 -12.32
N ASP A 27 -12.75 -0.19 -11.14
CA ASP A 27 -13.86 0.52 -10.50
C ASP A 27 -13.40 1.78 -9.75
N GLY A 28 -12.11 1.99 -9.67
CA GLY A 28 -11.59 3.22 -9.05
C GLY A 28 -10.99 3.06 -7.68
N ASP A 29 -10.71 1.81 -7.29
CA ASP A 29 -10.08 1.59 -6.00
C ASP A 29 -8.59 1.41 -6.14
N ALA A 30 -7.85 1.89 -5.15
CA ALA A 30 -6.43 1.56 -5.07
C ALA A 30 -6.36 0.10 -4.61
N VAL A 31 -5.31 -0.63 -5.05
CA VAL A 31 -5.14 -2.04 -4.68
C VAL A 31 -3.71 -2.21 -4.24
N VAL A 32 -3.53 -2.96 -3.17
CA VAL A 32 -2.20 -3.32 -2.73
C VAL A 32 -2.18 -4.85 -2.80
N PHE A 33 -1.18 -5.39 -3.50
CA PHE A 33 -1.15 -6.83 -3.68
C PHE A 33 0.14 -7.47 -3.29
N ASP A 34 0.02 -8.67 -2.75
CA ASP A 34 1.11 -9.50 -2.24
C ASP A 34 1.40 -10.63 -3.22
N MET A 35 2.67 -10.74 -3.66
CA MET A 35 3.07 -11.76 -4.63
C MET A 35 4.00 -12.81 -3.98
N SER A 36 4.05 -12.86 -2.63
CA SER A 36 4.99 -13.77 -1.98
C SER A 36 4.62 -15.27 -2.13
N LEU A 37 3.39 -15.58 -2.57
CA LEU A 37 3.04 -17.01 -2.78
C LEU A 37 3.14 -17.41 -4.24
N LEU A 38 3.54 -16.45 -5.10
CA LEU A 38 3.67 -16.70 -6.51
C LEU A 38 5.06 -17.19 -6.88
N SER A 39 5.16 -17.86 -8.03
CA SER A 39 6.45 -18.18 -8.59
C SER A 39 7.01 -16.85 -9.16
N ARG A 40 8.31 -16.86 -9.44
CA ARG A 40 8.98 -15.70 -10.06
C ARG A 40 8.28 -15.37 -11.39
N GLU A 41 7.97 -16.42 -12.18
CA GLU A 41 7.32 -16.24 -13.48
C GLU A 41 5.98 -15.52 -13.29
N GLU A 42 5.15 -16.02 -12.36
CA GLU A 42 3.82 -15.42 -12.20
C GLU A 42 3.87 -14.03 -11.63
N ALA A 43 4.82 -13.71 -10.74
CA ALA A 43 4.93 -12.36 -10.18
C ALA A 43 5.23 -11.37 -11.32
N ARG A 44 6.16 -11.77 -12.23
CA ARG A 44 6.47 -10.88 -13.34
C ARG A 44 5.21 -10.63 -14.19
N ARG A 45 4.44 -11.68 -14.45
CA ARG A 45 3.23 -11.58 -15.26
C ARG A 45 2.24 -10.62 -14.62
N ILE A 46 2.06 -10.73 -13.29
CA ILE A 46 1.14 -9.84 -12.59
C ILE A 46 1.56 -8.39 -12.74
N VAL A 47 2.85 -8.10 -12.55
CA VAL A 47 3.32 -6.70 -12.59
C VAL A 47 3.14 -6.11 -13.99
N ASP A 48 3.36 -6.95 -15.01
CA ASP A 48 3.15 -6.46 -16.39
C ASP A 48 1.66 -6.21 -16.68
N PHE A 49 0.79 -7.12 -16.22
CA PHE A 49 -0.64 -6.93 -16.39
C PHE A 49 -1.04 -5.62 -15.65
N ALA A 50 -0.52 -5.44 -14.40
CA ALA A 50 -0.86 -4.24 -13.61
C ALA A 50 -0.35 -2.98 -14.30
N ALA A 51 0.81 -3.04 -14.97
CA ALA A 51 1.29 -1.86 -15.69
C ALA A 51 0.33 -1.53 -16.85
N GLY A 52 -0.23 -2.56 -17.50
CA GLY A 52 -1.20 -2.35 -18.56
C GLY A 52 -2.47 -1.72 -18.00
N LEU A 53 -2.93 -2.21 -16.81
CA LEU A 53 -4.08 -1.53 -16.16
C LEU A 53 -3.82 -0.09 -15.91
N CYS A 54 -2.66 0.22 -15.29
CA CYS A 54 -2.34 1.62 -15.00
C CYS A 54 -2.26 2.50 -16.22
N PHE A 55 -1.64 1.98 -17.28
CA PHE A 55 -1.52 2.74 -18.50
C PHE A 55 -2.92 3.08 -19.03
N ALA A 56 -3.78 2.05 -19.15
CA ALA A 56 -5.10 2.26 -19.74
C ALA A 56 -5.93 3.30 -19.02
N LEU A 57 -5.85 3.31 -17.67
CA LEU A 57 -6.68 4.23 -16.90
C LEU A 57 -5.94 5.40 -16.29
N ARG A 58 -4.69 5.64 -16.77
CA ARG A 58 -3.88 6.77 -16.36
C ARG A 58 -3.59 6.77 -14.84
N GLY A 59 -3.42 5.56 -14.30
CA GLY A 59 -3.07 5.36 -12.90
C GLY A 59 -1.58 5.23 -12.70
N LYS A 60 -1.18 4.98 -11.47
CA LYS A 60 0.23 4.83 -11.12
C LYS A 60 0.49 3.56 -10.34
N MET A 61 1.55 2.86 -10.70
CA MET A 61 1.99 1.69 -10.00
C MET A 61 3.19 2.06 -9.15
N GLN A 62 3.18 1.58 -7.91
CA GLN A 62 4.22 1.83 -6.92
C GLN A 62 4.73 0.50 -6.38
N LYS A 63 6.05 0.35 -6.35
CA LYS A 63 6.66 -0.82 -5.73
C LYS A 63 6.84 -0.46 -4.26
N ILE A 64 6.32 -1.29 -3.37
CA ILE A 64 6.47 -1.12 -1.93
C ILE A 64 7.70 -1.91 -1.54
N ASP A 65 7.73 -3.21 -1.87
CA ASP A 65 8.91 -4.04 -1.71
C ASP A 65 8.95 -5.11 -2.81
N SER A 66 9.93 -6.04 -2.75
CA SER A 66 10.09 -7.04 -3.80
C SER A 66 8.85 -7.88 -4.09
N VAL A 67 7.94 -8.02 -3.08
CA VAL A 67 6.73 -8.85 -3.23
C VAL A 67 5.44 -8.05 -3.01
N THR A 68 5.53 -6.70 -2.94
CA THR A 68 4.32 -5.90 -2.66
C THR A 68 4.30 -4.70 -3.55
N PHE A 69 3.21 -4.54 -4.28
CA PHE A 69 3.03 -3.40 -5.15
C PHE A 69 1.63 -2.84 -4.92
N ALA A 70 1.45 -1.60 -5.32
CA ALA A 70 0.14 -0.97 -5.27
C ALA A 70 -0.16 -0.34 -6.62
N VAL A 71 -1.41 -0.33 -7.01
CA VAL A 71 -1.92 0.41 -8.16
C VAL A 71 -2.89 1.44 -7.65
N VAL A 72 -2.74 2.67 -8.11
CA VAL A 72 -3.52 3.80 -7.61
C VAL A 72 -4.20 4.49 -8.79
N PRO A 73 -5.53 4.67 -8.73
CA PRO A 73 -6.25 5.34 -9.84
C PRO A 73 -5.80 6.80 -10.03
N GLU A 74 -6.04 7.32 -11.21
CA GLU A 74 -5.74 8.72 -11.56
C GLU A 74 -6.39 9.70 -10.53
N THR B 6 0.95 -8.04 5.69
CA THR B 6 1.67 -6.82 5.32
C THR B 6 0.73 -5.94 4.48
N ILE B 7 -0.04 -6.59 3.59
CA ILE B 7 -0.98 -5.97 2.66
C ILE B 7 -2.22 -5.41 3.34
N VAL B 8 -2.68 -6.02 4.46
CA VAL B 8 -3.85 -5.47 5.19
C VAL B 8 -3.38 -4.20 5.90
N PRO B 9 -3.89 -3.01 5.51
CA PRO B 9 -3.37 -1.79 6.11
C PRO B 9 -3.66 -1.63 7.60
N VAL B 10 -2.66 -1.18 8.44
CA VAL B 10 -2.90 -0.81 9.85
C VAL B 10 -4.03 0.22 9.71
N GLU B 11 -5.19 -0.06 10.30
CA GLU B 11 -6.30 0.88 10.29
C GLU B 11 -6.12 1.78 11.49
N LEU B 12 -5.81 3.05 11.26
CA LEU B 12 -5.56 3.98 12.37
C LEU B 12 -6.81 4.59 12.98
N HIS B 13 -6.81 4.77 14.30
CA HIS B 13 -7.95 5.34 15.01
C HIS B 13 -7.64 6.64 15.72
N SER B 14 -6.36 6.85 16.08
CA SER B 14 -5.93 8.09 16.71
C SER B 14 -4.44 8.19 16.56
N PHE B 15 -3.88 9.33 16.97
CA PHE B 15 -2.44 9.51 16.95
C PHE B 15 -1.72 8.50 17.85
N GLU B 16 -2.43 7.96 18.86
CA GLU B 16 -1.84 6.96 19.74
C GLU B 16 -1.39 5.71 18.96
N ASP B 17 -2.03 5.46 17.81
CA ASP B 17 -1.69 4.32 16.95
C ASP B 17 -0.40 4.52 16.17
N ALA B 18 0.26 5.69 16.32
CA ALA B 18 1.58 5.90 15.70
C ALA B 18 2.52 4.79 16.18
N GLN B 19 2.37 4.34 17.45
CA GLN B 19 3.19 3.28 18.04
C GLN B 19 3.03 1.95 17.30
N VAL B 20 1.85 1.70 16.70
CA VAL B 20 1.59 0.47 15.94
C VAL B 20 2.46 0.48 14.68
N ILE B 21 2.45 1.61 13.95
CA ILE B 21 3.29 1.75 12.77
C ILE B 21 4.75 1.66 13.20
N GLY B 22 5.09 2.41 14.25
CA GLY B 22 6.45 2.50 14.76
C GLY B 22 7.04 1.15 15.11
N GLY B 23 6.31 0.36 15.89
CA GLY B 23 6.81 -0.94 16.35
C GLY B 23 7.14 -1.86 15.19
N ALA B 24 6.21 -1.97 14.22
CA ALA B 24 6.42 -2.84 13.08
C ALA B 24 7.57 -2.34 12.18
N PHE B 25 7.60 -1.04 11.83
CA PHE B 25 8.66 -0.44 11.01
C PHE B 25 10.04 -0.58 11.68
N ARG B 26 10.09 -0.35 13.02
CA ARG B 26 11.33 -0.45 13.81
C ARG B 26 11.87 -1.88 13.74
N ASP B 27 10.97 -2.89 13.72
CA ASP B 27 11.40 -4.29 13.64
C ASP B 27 11.77 -4.73 12.22
N GLY B 28 11.61 -3.82 11.27
CA GLY B 28 12.02 -4.06 9.89
C GLY B 28 10.95 -4.53 8.92
N ASP B 29 9.66 -4.32 9.23
CA ASP B 29 8.56 -4.70 8.36
C ASP B 29 7.94 -3.46 7.70
N ALA B 30 7.59 -3.58 6.40
CA ALA B 30 6.93 -2.51 5.64
C ALA B 30 5.51 -2.37 6.17
N VAL B 31 5.09 -1.13 6.50
CA VAL B 31 3.75 -0.92 7.04
C VAL B 31 2.97 -0.10 6.02
N VAL B 32 1.74 -0.49 5.73
CA VAL B 32 0.82 0.27 4.91
C VAL B 32 -0.27 0.67 5.89
N PHE B 33 -0.58 1.97 6.00
CA PHE B 33 -1.56 2.43 6.96
C PHE B 33 -2.62 3.26 6.33
N ASP B 34 -3.84 3.12 6.87
CA ASP B 34 -5.06 3.79 6.45
C ASP B 34 -5.42 4.87 7.45
N MET B 35 -5.60 6.11 6.96
CA MET B 35 -5.89 7.27 7.78
C MET B 35 -7.31 7.79 7.52
N SER B 36 -8.16 7.01 6.83
CA SER B 36 -9.50 7.47 6.47
C SER B 36 -10.44 7.71 7.67
N LEU B 37 -10.12 7.17 8.86
CA LEU B 37 -10.95 7.41 10.05
C LEU B 37 -10.38 8.51 10.94
N LEU B 38 -9.26 9.10 10.53
CA LEU B 38 -8.62 10.16 11.28
C LEU B 38 -9.07 11.53 10.84
N SER B 39 -8.94 12.50 11.74
CA SER B 39 -9.20 13.89 11.41
C SER B 39 -8.00 14.35 10.58
N ARG B 40 -8.13 15.48 9.88
CA ARG B 40 -7.03 16.07 9.10
C ARG B 40 -5.84 16.32 10.02
N GLU B 41 -6.10 16.88 11.22
CA GLU B 41 -5.07 17.17 12.24
C GLU B 41 -4.32 15.90 12.60
N GLU B 42 -5.04 14.82 12.94
CA GLU B 42 -4.38 13.57 13.33
C GLU B 42 -3.65 12.90 12.17
N ALA B 43 -4.17 12.99 10.92
CA ALA B 43 -3.52 12.41 9.74
C ALA B 43 -2.16 13.09 9.47
N ARG B 44 -2.12 14.43 9.66
CA ARG B 44 -0.87 15.20 9.52
C ARG B 44 0.13 14.78 10.61
N ARG B 45 -0.34 14.54 11.86
CA ARG B 45 0.51 14.11 12.97
C ARG B 45 1.11 12.76 12.68
N ILE B 46 0.28 11.82 12.19
CA ILE B 46 0.79 10.49 11.86
C ILE B 46 1.89 10.57 10.81
N VAL B 47 1.65 11.34 9.74
CA VAL B 47 2.60 11.44 8.63
C VAL B 47 3.92 12.06 9.10
N ASP B 48 3.84 13.05 10.01
CA ASP B 48 5.08 13.64 10.53
C ASP B 48 5.84 12.67 11.42
N PHE B 49 5.12 11.91 12.27
CA PHE B 49 5.74 10.88 13.10
C PHE B 49 6.40 9.85 12.19
N ALA B 50 5.65 9.41 11.13
CA ALA B 50 6.19 8.40 10.20
C ALA B 50 7.40 8.92 9.44
N ALA B 51 7.43 10.22 9.11
CA ALA B 51 8.59 10.81 8.44
C ALA B 51 9.80 10.72 9.38
N GLY B 52 9.58 10.95 10.68
CA GLY B 52 10.64 10.84 11.70
C GLY B 52 11.13 9.41 11.79
N LEU B 53 10.20 8.43 11.77
CA LEU B 53 10.61 7.00 11.75
C LEU B 53 11.49 6.72 10.56
N CYS B 54 11.05 7.11 9.34
CA CYS B 54 11.77 6.84 8.09
C CYS B 54 13.13 7.50 8.08
N PHE B 55 13.21 8.73 8.60
CA PHE B 55 14.47 9.44 8.65
C PHE B 55 15.47 8.70 9.54
N ALA B 56 15.05 8.37 10.77
CA ALA B 56 15.91 7.71 11.74
C ALA B 56 16.48 6.38 11.26
N LEU B 57 15.67 5.59 10.56
CA LEU B 57 16.10 4.26 10.09
C LEU B 57 16.39 4.18 8.61
N ARG B 58 16.53 5.34 7.95
CA ARG B 58 16.89 5.46 6.54
C ARG B 58 15.91 4.73 5.63
N GLY B 59 14.65 4.72 6.06
CA GLY B 59 13.54 4.12 5.34
C GLY B 59 12.92 5.13 4.41
N LYS B 60 11.96 4.70 3.61
CA LYS B 60 11.29 5.57 2.68
C LYS B 60 9.81 5.56 2.97
N MET B 61 9.22 6.75 2.95
CA MET B 61 7.80 6.95 3.14
C MET B 61 7.20 7.25 1.79
N GLN B 62 6.22 6.44 1.39
CA GLN B 62 5.55 6.55 0.11
C GLN B 62 4.11 6.91 0.34
N LYS B 63 3.63 7.94 -0.37
CA LYS B 63 2.22 8.29 -0.36
C LYS B 63 1.60 7.43 -1.45
N ILE B 64 0.58 6.64 -1.09
CA ILE B 64 -0.13 5.80 -2.04
C ILE B 64 -1.30 6.67 -2.52
N ASP B 65 -2.10 7.18 -1.58
CA ASP B 65 -3.16 8.15 -1.88
C ASP B 65 -3.38 9.07 -0.68
N SER B 66 -4.38 9.98 -0.74
CA SER B 66 -4.63 10.94 0.32
C SER B 66 -4.78 10.34 1.71
N VAL B 67 -5.23 9.07 1.81
CA VAL B 67 -5.45 8.41 3.10
C VAL B 67 -4.61 7.14 3.29
N THR B 68 -3.65 6.87 2.40
CA THR B 68 -2.87 5.64 2.49
C THR B 68 -1.42 5.92 2.25
N PHE B 69 -0.60 5.54 3.21
CA PHE B 69 0.84 5.71 3.08
C PHE B 69 1.47 4.40 3.46
N ALA B 70 2.71 4.23 3.04
CA ALA B 70 3.48 3.08 3.41
C ALA B 70 4.82 3.57 3.92
N VAL B 71 5.38 2.87 4.90
CA VAL B 71 6.73 3.13 5.44
C VAL B 71 7.52 1.86 5.14
N VAL B 72 8.63 1.99 4.38
CA VAL B 72 9.42 0.83 3.91
C VAL B 72 10.82 0.90 4.49
N PRO B 73 11.29 -0.17 5.17
CA PRO B 73 12.66 -0.14 5.75
C PRO B 73 13.76 0.00 4.69
#